data_2MNX
#
_entry.id   2MNX
#
loop_
_entity.id
_entity.type
_entity.pdbx_description
1 polymer "5'-D(*CP*GP*GP*AP*CP*(6HB)P*AP*GP*AP*AP*G)-3'"
2 polymer "5'-D(*CP*TP*TP*CP*TP*TP*GP*TP*CP*CP*G)-3'"
#
loop_
_entity_poly.entity_id
_entity_poly.type
_entity_poly.pdbx_seq_one_letter_code
_entity_poly.pdbx_strand_id
1 'polydeoxyribonucleotide' (DC)(DG)(DG)(DA)(DC)(6HB)(DA)(DG)(DA)(DA)(DG) A
2 'polydeoxyribonucleotide' (DC)(DT)(DT)(DC)(DT)(DT)(DG)(DT)(DC)(DC)(DG) B
#
loop_
_chem_comp.id
_chem_comp.type
_chem_comp.name
_chem_comp.formula
6HB DNA linking '2'-deoxy-N-[(2S)-2-hydroxybut-3-en-1-yl]adenosine 5'-(dihydrogen phosphate)' 'C14 H20 N5 O7 P'
DA DNA linking 2'-DEOXYADENOSINE-5'-MONOPHOSPHATE 'C10 H14 N5 O6 P'
DC DNA linking 2'-DEOXYCYTIDINE-5'-MONOPHOSPHATE 'C9 H14 N3 O7 P'
DG DNA linking 2'-DEOXYGUANOSINE-5'-MONOPHOSPHATE 'C10 H14 N5 O7 P'
DT DNA linking THYMIDINE-5'-MONOPHOSPHATE 'C10 H15 N2 O8 P'
#
# COMPACT_ATOMS: atom_id res chain seq x y z
P 6HB A 6 -2.69 7.75 2.29
OP1 6HB A 6 -3.30 9.07 2.54
OP2 6HB A 6 -2.40 6.87 3.45
O5' 6HB A 6 -3.62 6.91 1.25
C5' 6HB A 6 -4.13 7.51 0.06
C4' 6HB A 6 -5.02 6.60 -0.79
O4' 6HB A 6 -4.24 5.56 -1.41
C1' 6HB A 6 -4.78 4.31 -1.03
N9 6HB A 6 -3.63 3.41 -0.79
C8 6HB A 6 -2.64 3.54 0.16
N7 6HB A 6 -1.80 2.54 0.19
C5 6HB A 6 -2.25 1.70 -0.84
C6 6HB A 6 -1.84 0.44 -1.37
N6 6HB A 6 -0.82 -0.32 -0.94
CA 6HB A 6 0.18 -0.04 0.11
CB 6HB A 6 -0.11 -0.80 1.39
OB 6HB A 6 1.06 -0.75 2.16
CC 6HB A 6 -1.24 -0.15 2.17
CD 6HB A 6 -1.24 0.20 3.44
C4 6HB A 6 -3.37 2.23 -1.43
N3 6HB A 6 -4.10 1.70 -2.46
C2 6HB A 6 -3.59 0.53 -2.87
N1 6HB A 6 -2.54 -0.11 -2.38
C3' 6HB A 6 -6.15 5.97 0.04
C2' 6HB A 6 -5.64 4.52 0.22
O3' 6HB A 6 -7.39 6.11 -0.65
H5'' 6HB A 6 -4.73 8.39 0.33
H5' 6HB A 6 -3.29 7.86 -0.56
H4' 6HB A 6 -5.47 7.21 -1.57
H1' 6HB A 6 -5.43 3.92 -1.82
H8 6HB A 6 -2.59 4.39 0.82
HN 6HB A 6 -0.69 -1.18 -1.47
HA1 6HB A 6 1.16 -0.36 -0.24
HA2 6HB A 6 0.24 1.03 0.34
HB 6HB A 6 -0.36 -1.85 1.17
HOB 6HB A 6 0.91 -1.25 2.98
HC 6HB A 6 -2.17 0.09 1.67
HD2 6HB A 6 -2.13 0.66 3.83
HD1 6HB A 6 -0.36 0.01 4.04
H2 6HB A 6 -4.12 0.05 -3.69
H3' 6HB A 6 -6.22 6.45 1.02
H2' 6HB A 6 -6.46 3.81 0.26
H2'' 6HB A 6 -5.05 4.46 1.13
P 6HB A 6 -2.70 7.45 2.72
OP1 6HB A 6 -3.29 8.77 3.07
OP2 6HB A 6 -2.37 6.51 3.82
O5' 6HB A 6 -3.68 6.68 1.68
C5' 6HB A 6 -4.22 7.35 0.53
C4' 6HB A 6 -5.11 6.48 -0.36
O4' 6HB A 6 -4.34 5.49 -1.03
C1' 6HB A 6 -4.86 4.21 -0.70
N9 6HB A 6 -3.70 3.31 -0.47
C8 6HB A 6 -2.71 3.42 0.46
N7 6HB A 6 -1.84 2.45 0.44
C5 6HB A 6 -2.28 1.63 -0.61
C6 6HB A 6 -1.84 0.41 -1.19
N6 6HB A 6 -0.80 -0.33 -0.82
CA 6HB A 6 0.19 -0.08 0.26
CB 6HB A 6 -0.09 -0.91 1.50
OB 6HB A 6 1.07 -0.85 2.28
CC 6HB A 6 -1.25 -0.32 2.29
CD 6HB A 6 -1.29 -0.10 3.59
C4 6HB A 6 -3.42 2.16 -1.19
N3 6HB A 6 -4.13 1.65 -2.22
C2 6HB A 6 -3.62 0.52 -2.68
N1 6HB A 6 -2.53 -0.11 -2.23
C3' 6HB A 6 -6.25 5.80 0.43
C2' 6HB A 6 -5.73 4.37 0.55
O3' 6HB A 6 -7.48 5.95 -0.28
H5'' 6HB A 6 -4.82 8.19 0.88
H5' 6HB A 6 -3.40 7.75 -0.07
H4' 6HB A 6 -5.56 7.14 -1.10
H1' 6HB A 6 -5.50 3.84 -1.51
H8 6HB A 6 -2.67 4.25 1.17
HN 6HB A 6 -0.64 -1.17 -1.38
HA1 6HB A 6 1.19 -0.37 -0.10
HA2 6HB A 6 0.23 0.97 0.53
HB 6HB A 6 -0.31 -1.95 1.23
HOB 6HB A 6 0.92 -1.37 3.08
HC 6HB A 6 -2.16 -0.02 1.79
HD2 6HB A 6 -2.19 0.34 3.98
HD1 6HB A 6 -0.44 -0.35 4.21
H2 6HB A 6 -4.13 0.06 -3.51
H3' 6HB A 6 -6.33 6.25 1.43
H2' 6HB A 6 -6.53 3.63 0.57
H2'' 6HB A 6 -5.14 4.27 1.47
P 6HB A 6 -3.47 7.52 2.28
OP1 6HB A 6 -4.11 8.82 2.57
OP2 6HB A 6 -3.17 6.61 3.42
O5' 6HB A 6 -4.37 6.71 1.22
C5' 6HB A 6 -4.89 7.32 0.04
C4' 6HB A 6 -5.73 6.40 -0.87
O4' 6HB A 6 -4.90 5.43 -1.51
C1' 6HB A 6 -5.37 4.15 -1.16
N9 6HB A 6 -4.19 3.29 -0.92
C8 6HB A 6 -3.21 3.45 0.02
N7 6HB A 6 -2.30 2.51 0.02
C5 6HB A 6 -2.70 1.67 -1.02
C6 6HB A 6 -2.23 0.45 -1.59
N6 6HB A 6 -1.17 -0.26 -1.18
CA 6HB A 6 -0.21 0.03 -0.11
CB 6HB A 6 -0.51 -0.77 1.17
OB 6HB A 6 0.61 -0.59 2.00
CC 6HB A 6 -1.73 -0.24 1.85
CD 6HB A 6 -1.87 0.01 3.14
C4 6HB A 6 -3.85 2.15 -1.61
N3 6HB A 6 -4.55 1.60 -2.66
C2 6HB A 6 -3.97 0.49 -3.10
N1 6HB A 6 -2.88 -0.10 -2.63
C3' 6HB A 6 -6.85 5.69 -0.11
C2' 6HB A 6 -6.27 4.29 0.08
O3' 6HB A 6 -8.06 5.74 -0.88
H5'' 6HB A 6 -5.54 8.15 0.34
H5' 6HB A 6 -4.08 7.74 -0.54
H4' 6HB A 6 -6.18 7.04 -1.63
H1' 6HB A 6 -6.00 3.74 -1.96
H8 6HB A 6 -3.20 4.28 0.72
HN 6HB A 6 -0.98 -1.11 -1.74
HA1 6HB A 6 0.79 -0.26 -0.43
HA2 6HB A 6 -0.18 1.08 0.15
HB 6HB A 6 -0.63 -1.83 0.93
HOB 6HB A 6 0.44 -1.07 2.82
HC 6HB A 6 -2.64 -0.03 1.29
HD2 6HB A 6 -2.83 0.39 3.47
HD1 6HB A 6 -1.06 -0.16 3.82
H2 6HB A 6 -4.47 0.01 -3.94
H3' 6HB A 6 -7.02 6.16 0.87
H2' 6HB A 6 -7.02 3.50 0.13
H2'' 6HB A 6 -5.67 4.27 1.01
P 6HB A 6 -2.13 7.67 2.68
OP1 6HB A 6 -2.66 9.01 3.04
OP2 6HB A 6 -1.83 6.72 3.77
O5' 6HB A 6 -3.18 6.96 1.66
C5' 6HB A 6 -3.69 7.64 0.52
C4' 6HB A 6 -4.64 6.81 -0.36
O4' 6HB A 6 -3.94 5.77 -1.03
C1' 6HB A 6 -4.53 4.53 -0.67
N9 6HB A 6 -3.42 3.56 -0.47
C8 6HB A 6 -2.41 3.63 0.45
N7 6HB A 6 -1.60 2.60 0.42
C5 6HB A 6 -2.12 1.80 -0.61
C6 6HB A 6 -1.78 0.55 -1.18
N6 6HB A 6 -0.77 -0.27 -0.83
CA 6HB A 6 0.31 -0.03 0.16
CB 6HB A 6 0.09 -0.81 1.46
OB 6HB A 6 1.32 -0.80 2.12
CC 6HB A 6 -0.95 -0.14 2.32
CD 6HB A 6 -0.85 0.13 3.61
C4 6HB A 6 -3.23 2.38 -1.15
N3 6HB A 6 -4.02 1.91 -2.17
C2 6HB A 6 -3.59 0.75 -2.61
N1 6HB A 6 -2.54 0.05 -2.18
C3' 6HB A 6 -5.80 6.22 0.44
C2' 6HB A 6 -5.37 4.76 0.58
O3' 6HB A 6 -7.02 6.43 -0.28
H5'' 6HB A 6 -4.25 8.52 0.87
H5' 6HB A 6 -2.87 8.00 -0.10
H4' 6HB A 6 -5.05 7.50 -1.11
H1' 6HB A 6 -5.20 4.20 -1.47
H8 6HB A 6 -2.29 4.46 1.13
HN 6HB A 6 -0.69 -1.12 -1.38
HA1 6HB A 6 1.26 -0.37 -0.26
HA2 6HB A 6 0.42 1.03 0.41
HB 6HB A 6 -0.20 -1.84 1.23
HOB 6HB A 6 1.22 -1.28 2.95
HC 6HB A 6 -1.89 0.18 1.90
HD2 6HB A 6 -1.69 0.62 4.07
HD1 6HB A 6 0.04 -0.15 4.15
H2 6HB A 6 -4.15 0.30 -3.43
H3' 6HB A 6 -5.88 6.69 1.42
H2' 6HB A 6 -6.21 4.06 0.63
H2'' 6HB A 6 -4.77 4.66 1.49
P 6HB A 6 -2.69 7.42 2.62
OP1 6HB A 6 -3.25 8.73 3.02
OP2 6HB A 6 -2.43 6.40 3.66
O5' 6HB A 6 -3.65 6.76 1.49
C5' 6HB A 6 -4.10 7.50 0.37
C4' 6HB A 6 -5.01 6.73 -0.61
O4' 6HB A 6 -4.26 5.74 -1.32
C1' 6HB A 6 -4.85 4.47 -1.05
N9 6HB A 6 -3.73 3.52 -0.84
C8 6HB A 6 -2.75 3.59 0.11
N7 6HB A 6 -1.93 2.57 0.11
C5 6HB A 6 -2.41 1.77 -0.93
C6 6HB A 6 -2.05 0.51 -1.50
N6 6HB A 6 -1.05 -0.29 -1.10
CA 6HB A 6 -0.05 -0.07 -0.04
CB 6HB A 6 -0.34 -0.85 1.22
OB 6HB A 6 0.82 -0.76 2.01
CC 6HB A 6 -1.49 -0.23 2.00
CD 6HB A 6 -1.58 -0.08 3.30
C4 6HB A 6 -3.51 2.36 -1.53
N3 6HB A 6 -4.26 1.88 -2.56
C2 6HB A 6 -3.79 0.72 -3.01
N1 6HB A 6 -2.76 0.02 -2.54
C3' 6HB A 6 -6.20 6.07 0.10
C2' 6HB A 6 -5.75 4.61 0.17
O3' 6HB A 6 -7.39 6.31 -0.65
H5'' 6HB A 6 -4.67 8.37 0.72
H5' 6HB A 6 -3.24 7.89 -0.20
H4' 6HB A 6 -5.39 7.46 -1.33
H1' 6HB A 6 -5.47 4.17 -1.91
H8 6HB A 6 -2.66 4.42 0.81
HN 6HB A 6 -0.93 -1.14 -1.67
HA1 6HB A 6 0.94 -0.41 -0.40
HA2 6HB A 6 0.06 0.99 0.21
HB 6HB A 6 -0.55 -1.89 0.99
HOB 6HB A 6 0.66 -1.25 2.83
HC 6HB A 6 -2.35 0.16 1.47
HD2 6HB A 6 -2.47 0.39 3.69
HD1 6HB A 6 -0.78 -0.44 3.93
H2 6HB A 6 -4.33 0.27 -3.84
H3' 6HB A 6 -6.31 6.47 1.11
H2' 6HB A 6 -6.59 3.91 0.12
H2'' 6HB A 6 -5.19 4.45 1.09
P 6HB A 6 -3.34 7.77 1.68
OP1 6HB A 6 -3.97 9.09 1.85
OP2 6HB A 6 -3.15 6.92 2.90
O5' 6HB A 6 -4.18 6.90 0.60
C5' 6HB A 6 -4.60 7.47 -0.64
C4' 6HB A 6 -5.44 6.54 -1.52
O4' 6HB A 6 -4.64 5.49 -2.08
C1' 6HB A 6 -5.18 4.25 -1.65
N9 6HB A 6 -4.03 3.38 -1.30
C8 6HB A 6 -3.10 3.57 -0.32
N7 6HB A 6 -2.21 2.61 -0.22
C5 6HB A 6 -2.60 1.71 -1.24
C6 6HB A 6 -2.13 0.46 -1.70
N6 6HB A 6 -1.09 -0.25 -1.22
CA 6HB A 6 -0.17 0.08 -0.11
CB 6HB A 6 -0.53 -0.64 1.18
OB 6HB A 6 0.55 -0.44 2.05
CC 6HB A 6 -1.78 -0.04 1.79
CD 6HB A 6 -1.94 0.38 3.03
C4 6HB A 6 -3.70 2.19 -1.90
N3 6HB A 6 -4.36 1.61 -2.94
C2 6HB A 6 -3.81 0.44 -3.28
N1 6HB A 6 -2.76 -0.14 -2.73
C3' 6HB A 6 -6.63 5.93 -0.76
C2' 6HB A 6 -6.13 4.51 -0.48
O3' 6HB A 6 -7.81 6.01 -1.56
H5'' 6HB A 6 -5.21 8.36 -0.44
H5' 6HB A 6 -3.72 7.79 -1.21
H4' 6HB A 6 -5.83 7.15 -2.34
H1' 6HB A 6 -5.78 3.81 -2.46
H8 6HB A 6 -3.09 4.45 0.33
HN 6HB A 6 -0.91 -1.12 -1.72
HA1 6HB A 6 0.84 -0.23 -0.38
HA2 6HB A 6 -0.14 1.16 0.08
HB 6HB A 6 -0.67 -1.71 1.00
HOB 6HB A 6 0.37 -0.90 2.88
HC 6HB A 6 -2.67 0.10 1.19
HD2 6HB A 6 -2.90 0.78 3.30
HD1 6HB A 6 -1.12 0.31 3.74
H2 6HB A 6 -4.28 -0.08 -4.11
H3' 6HB A 6 -6.78 6.47 0.18
H2' 6HB A 6 -6.93 3.78 -0.44
H2'' 6HB A 6 -5.58 4.51 0.47
P 6HB A 6 -3.49 7.70 1.60
OP1 6HB A 6 -4.18 9.00 1.76
OP2 6HB A 6 -3.22 6.88 2.80
O5' 6HB A 6 -4.32 6.79 0.54
C5' 6HB A 6 -4.78 7.33 -0.70
C4' 6HB A 6 -5.55 6.32 -1.58
O4' 6HB A 6 -4.68 5.32 -2.10
C1' 6HB A 6 -5.20 4.04 -1.74
N9 6HB A 6 -4.05 3.18 -1.38
C8 6HB A 6 -3.13 3.39 -0.38
N7 6HB A 6 -2.25 2.44 -0.26
C5 6HB A 6 -2.60 1.54 -1.29
C6 6HB A 6 -2.10 0.29 -1.75
N6 6HB A 6 -1.06 -0.40 -1.25
CA 6HB A 6 -0.14 -0.04 -0.15
CB 6HB A 6 -0.46 -0.76 1.15
OB 6HB A 6 0.68 -0.62 1.96
CC 6HB A 6 -1.64 -0.12 1.83
CD 6HB A 6 -1.71 0.25 3.10
C4 6HB A 6 -3.69 2.00 -1.97
N3 6HB A 6 -4.34 1.40 -3.02
C2 6HB A 6 -3.76 0.24 -3.36
N1 6HB A 6 -2.71 -0.33 -2.79
C3' 6HB A 6 -6.72 5.67 -0.82
C2' 6HB A 6 -6.17 4.26 -0.57
O3' 6HB A 6 -7.89 5.73 -1.62
H5'' 6HB A 6 -5.45 8.16 -0.50
H5' 6HB A 6 -3.94 7.71 -1.27
H4' 6HB A 6 -5.96 6.89 -2.42
H1' 6HB A 6 -5.77 3.63 -2.58
H8 6HB A 6 -3.16 4.26 0.25
HN 6HB A 6 -0.86 -1.27 -1.73
HA1 6HB A 6 0.88 -0.32 -0.44
HA2 6HB A 6 -0.13 1.04 0.04
HB 6HB A 6 -0.66 -1.82 0.95
HOB 6HB A 6 0.51 -1.09 2.79
HC 6HB A 6 -2.55 0.09 1.29
HD2 6HB A 6 -2.64 0.71 3.43
HD1 6HB A 6 -0.87 0.10 3.76
H2 6HB A 6 -4.21 -0.29 -4.19
H3' 6HB A 6 -6.88 6.17 0.13
H2' 6HB A 6 -6.95 3.50 -0.56
H2'' 6HB A 6 -5.65 4.24 0.39
P 6HB A 6 -3.71 7.68 1.41
OP1 6HB A 6 -4.42 8.98 1.55
OP2 6HB A 6 -3.49 6.85 2.62
O5' 6HB A 6 -4.51 6.77 0.33
C5' 6HB A 6 -4.92 7.29 -0.93
C4' 6HB A 6 -5.68 6.30 -1.83
O4' 6HB A 6 -4.81 5.28 -2.33
C1' 6HB A 6 -5.32 4.02 -1.92
N9 6HB A 6 -4.16 3.20 -1.52
C8 6HB A 6 -3.27 3.45 -0.50
N7 6HB A 6 -2.35 2.52 -0.35
C5 6HB A 6 -2.66 1.60 -1.37
C6 6HB A 6 -2.11 0.36 -1.81
N6 6HB A 6 -1.07 -0.30 -1.28
CA 6HB A 6 -0.17 0.11 -0.17
CB 6HB A 6 -0.50 -0.60 1.13
OB 6HB A 6 0.60 -0.40 1.98
CC 6HB A 6 -1.73 -0.01 1.77
CD 6HB A 6 -1.87 0.38 3.02
C4 6HB A 6 -3.75 2.02 -2.09
N3 6HB A 6 -4.35 1.38 -3.14
C2 6HB A 6 -3.74 0.25 -3.44
N1 6HB A 6 -2.68 -0.29 -2.84
C3' 6HB A 6 -6.87 5.65 -1.08
C2' 6HB A 6 -6.31 4.26 -0.78
O3' 6HB A 6 -8.02 5.69 -1.92
H5'' 6HB A 6 -5.58 8.15 -0.76
H5' 6HB A 6 -4.04 7.65 -1.48
H4' 6HB A 6 -6.07 6.87 -2.67
H1' 6HB A 6 -5.87 3.56 -2.74
H8 6HB A 6 -3.34 4.32 0.13
HN 6HB A 6 -0.83 -1.17 -1.75
HA1 6HB A 6 0.85 -0.15 -0.44
HA2 6HB A 6 -0.20 1.18 0.00
HB 6HB A 6 -0.65 -1.68 0.95
HOB 6HB A 6 0.63 0.52 2.21
HC 6HB A 6 -2.63 0.16 1.19
HD2 6HB A 6 -2.82 0.80 3.32
HD1 6HB A 6 -1.04 0.27 3.71
H2 6HB A 6 -4.16 -0.31 -4.28
H3' 6HB A 6 -7.06 6.19 -0.15
H2' 6HB A 6 -7.08 3.50 -0.75
H2'' 6HB A 6 -5.81 4.29 0.19
P 6HB A 6 -3.35 7.69 1.92
OP1 6HB A 6 -4.06 8.98 2.12
OP2 6HB A 6 -3.04 6.87 3.12
O5' 6HB A 6 -4.17 6.77 0.88
C5' 6HB A 6 -4.67 7.30 -0.35
C4' 6HB A 6 -5.49 6.31 -1.19
O4' 6HB A 6 -4.65 5.29 -1.75
C1' 6HB A 6 -5.13 4.03 -1.33
N9 6HB A 6 -3.95 3.20 -1.02
C8 6HB A 6 -3.01 3.40 -0.04
N7 6HB A 6 -2.10 2.48 0.03
C5 6HB A 6 -2.46 1.59 -0.99
C6 6HB A 6 -1.95 0.34 -1.47
N6 6HB A 6 -0.90 -0.34 -1.00
CA 6HB A 6 0.06 0.04 0.06
CB 6HB A 6 -0.20 -0.73 1.35
OB 6HB A 6 0.94 -0.57 2.16
CC 6HB A 6 -1.40 -0.17 2.08
CD 6HB A 6 -1.47 0.11 3.37
C4 6HB A 6 -3.59 2.02 -1.64
N3 6HB A 6 -4.24 1.42 -2.68
C2 6HB A 6 -3.65 0.29 -3.04
N1 6HB A 6 -2.57 -0.28 -2.50
C3' 6HB A 6 -6.62 5.65 -0.37
C2' 6HB A 6 -6.06 4.26 -0.13
O3' 6HB A 6 -7.83 5.72 -1.12
H5'' 6HB A 6 -5.32 8.15 -0.12
H5' 6HB A 6 -3.85 7.67 -0.95
H4' 6HB A 6 -5.94 6.87 -2.00
H1' 6HB A 6 -5.75 3.58 -2.14
H8 6HB A 6 -3.04 4.27 0.61
HN 6HB A 6 -0.69 -1.21 -1.50
HA1 6HB A 6 1.07 -0.20 -0.26
HA2 6HB A 6 0.03 1.11 0.28
HB 6HB A 6 -0.36 -1.80 1.14
HOB 6HB A 6 1.67 -1.05 1.74
HC 6HB A 6 -2.31 0.07 1.55
HD2 6HB A 6 -2.40 0.52 3.74
HD1 6HB A 6 -0.63 -0.08 4.01
H2 6HB A 6 -4.11 -0.25 -3.86
H3' 6HB A 6 -6.74 6.17 0.59
H2' 6HB A 6 -6.83 3.49 -0.08
H2'' 6HB A 6 -5.49 4.25 0.81
#